data_9NJI
#
_entry.id   9NJI
#
_cell.length_a   177.228
_cell.length_b   177.228
_cell.length_c   177.228
_cell.angle_alpha   90.000
_cell.angle_beta   90.000
_cell.angle_gamma   90.000
#
_symmetry.space_group_name_H-M   'P 43 3 2'
#
loop_
_entity.id
_entity.type
_entity.pdbx_description
1 polymer 'Copper oxidase'
2 non-polymer 'COPPER (II) ION'
3 non-polymer 'HYDROXIDE ION'
4 non-polymer GLYCINE
5 non-polymer 'TETRAETHYLENE GLYCOL'
6 water water
#
_entity_poly.entity_id   1
_entity_poly.type   'polypeptide(L)'
_entity_poly.pdbx_seq_one_letter_code
;MDRRGFNRRVLLGGAAAATSLSIAPEVAGAAPAAKGITARTAPAGGEVRHLKMYAEKLADGQMGYGFEKGKASVPGPLIE
VNEGDTLHIEFTNTMDVRASLHVHGLDYEISSDGTAMNKSDVEPGGTRTYTWRTHKPGRRDDGTWRPGSAGYWHYHDHVV
GTEHGTGGIRNGLYGPVIVRRKGDVLPDATHTIVFNDMTINNRKPHTGPDFEATVGDRVEIVMITHGEYYHTFHMHGHRW
ADNRTGILTGPDDPSRVIDNKITGPADSFGFQIIAGEGVGAGAWMYHCHVQSHSDMGLVGLFLVKKPDGTIPGYEPHEHG
GATAKSGESGEPTGGAAAHEHEHLEHHHHHH
;
_entity_poly.pdbx_strand_id   A
#
loop_
_chem_comp.id
_chem_comp.type
_chem_comp.name
_chem_comp.formula
CU non-polymer 'COPPER (II) ION' 'Cu 2'
OH non-polymer 'HYDROXIDE ION' 'H O -1'
PG4 non-polymer 'TETRAETHYLENE GLYCOL' 'C8 H18 O5'
#
# COMPACT_ATOMS: atom_id res chain seq x y z
N ILE A 37 14.34 22.62 -3.10
CA ILE A 37 14.41 21.16 -3.06
C ILE A 37 15.20 20.63 -4.25
N THR A 38 16.33 19.98 -3.95
CA THR A 38 17.15 19.35 -4.97
C THR A 38 16.81 17.87 -5.17
N ALA A 39 15.77 17.38 -4.51
CA ALA A 39 15.33 16.00 -4.71
C ALA A 39 14.24 15.95 -5.77
N ARG A 40 14.03 14.74 -6.30
CA ARG A 40 13.00 14.54 -7.31
C ARG A 40 11.62 14.76 -6.71
N THR A 41 10.76 15.46 -7.45
CA THR A 41 9.42 15.78 -6.97
C THR A 41 8.38 15.33 -8.00
N ALA A 42 7.18 15.04 -7.49
CA ALA A 42 6.11 14.56 -8.35
C ALA A 42 5.59 15.69 -9.23
N PRO A 43 5.34 15.43 -10.50
CA PRO A 43 4.84 16.47 -11.41
C PRO A 43 3.34 16.67 -11.23
N ALA A 44 2.79 17.58 -12.03
CA ALA A 44 1.36 17.80 -12.04
C ALA A 44 0.67 16.68 -12.80
N GLY A 45 -0.49 16.24 -12.30
CA GLY A 45 -1.24 15.19 -12.93
C GLY A 45 -2.19 15.70 -14.00
N GLY A 46 -2.98 14.77 -14.55
CA GLY A 46 -3.94 15.12 -15.58
C GLY A 46 -3.97 14.16 -16.74
N GLU A 47 -3.11 13.13 -16.69
CA GLU A 47 -3.04 12.15 -17.75
C GLU A 47 -4.12 11.09 -17.59
N VAL A 48 -4.55 10.53 -18.71
CA VAL A 48 -5.50 9.43 -18.74
C VAL A 48 -4.70 8.15 -18.95
N ARG A 49 -4.65 7.30 -17.93
CA ARG A 49 -3.83 6.10 -17.95
C ARG A 49 -4.72 4.86 -18.10
N HIS A 50 -4.19 3.87 -18.81
CA HIS A 50 -4.87 2.61 -19.03
C HIS A 50 -4.06 1.47 -18.43
N LEU A 51 -4.76 0.47 -17.91
CA LEU A 51 -4.11 -0.61 -17.18
C LEU A 51 -4.92 -1.88 -17.37
N LYS A 52 -4.21 -3.01 -17.46
CA LYS A 52 -4.83 -4.32 -17.54
C LYS A 52 -4.48 -5.10 -16.28
N MET A 53 -5.49 -5.71 -15.66
CA MET A 53 -5.29 -6.44 -14.42
C MET A 53 -6.04 -7.76 -14.46
N TYR A 54 -5.49 -8.75 -13.76
CA TYR A 54 -6.08 -10.08 -13.68
C TYR A 54 -6.19 -10.49 -12.22
N ALA A 55 -7.17 -11.33 -11.94
CA ALA A 55 -7.29 -12.03 -10.66
C ALA A 55 -7.04 -13.51 -10.92
N GLU A 56 -6.10 -14.09 -10.20
CA GLU A 56 -5.62 -15.44 -10.47
C GLU A 56 -5.65 -16.27 -9.20
N LYS A 57 -6.17 -17.49 -9.31
CA LYS A 57 -5.98 -18.48 -8.26
C LYS A 57 -4.57 -19.05 -8.36
N LEU A 58 -3.86 -19.07 -7.25
CA LEU A 58 -2.50 -19.57 -7.24
C LEU A 58 -2.48 -21.05 -6.88
N ALA A 59 -1.33 -21.69 -7.16
CA ALA A 59 -1.22 -23.14 -6.96
C ALA A 59 -1.43 -23.53 -5.50
N ASP A 60 -0.99 -22.69 -4.57
CA ASP A 60 -1.12 -23.00 -3.14
C ASP A 60 -2.51 -22.70 -2.58
N GLY A 61 -3.46 -22.27 -3.42
CA GLY A 61 -4.79 -21.92 -2.96
C GLY A 61 -5.01 -20.45 -2.72
N GLN A 62 -3.96 -19.64 -2.76
CA GLN A 62 -4.10 -18.21 -2.59
C GLN A 62 -4.64 -17.56 -3.86
N MET A 63 -4.95 -16.27 -3.75
CA MET A 63 -5.51 -15.47 -4.84
C MET A 63 -4.74 -14.16 -4.90
N GLY A 64 -4.32 -13.78 -6.11
CA GLY A 64 -3.51 -12.58 -6.27
C GLY A 64 -3.92 -11.80 -7.50
N TYR A 65 -3.64 -10.50 -7.45
CA TYR A 65 -3.77 -9.62 -8.60
C TYR A 65 -2.47 -9.59 -9.38
N GLY A 66 -2.56 -9.24 -10.65
CA GLY A 66 -1.38 -9.12 -11.49
C GLY A 66 -1.66 -8.30 -12.73
N PHE A 67 -0.58 -7.78 -13.30
CA PHE A 67 -0.63 -7.09 -14.58
C PHE A 67 -0.51 -8.03 -15.77
N GLU A 68 -0.10 -9.28 -15.54
CA GLU A 68 0.10 -10.26 -16.60
C GLU A 68 -0.38 -11.62 -16.12
N LYS A 69 -0.98 -12.38 -17.02
CA LYS A 69 -1.42 -13.73 -16.68
C LYS A 69 -0.22 -14.58 -16.31
N GLY A 70 -0.25 -15.16 -15.11
CA GLY A 70 0.86 -15.95 -14.62
C GLY A 70 1.88 -15.20 -13.81
N LYS A 71 1.70 -13.89 -13.64
CA LYS A 71 2.62 -13.04 -12.89
C LYS A 71 1.89 -12.29 -11.77
N ALA A 72 0.90 -12.95 -11.17
CA ALA A 72 0.21 -12.36 -10.03
C ALA A 72 1.14 -12.34 -8.82
N SER A 73 0.81 -11.48 -7.85
CA SER A 73 1.63 -11.33 -6.66
C SER A 73 0.76 -11.01 -5.46
N VAL A 74 1.21 -11.43 -4.29
CA VAL A 74 0.59 -11.05 -3.03
C VAL A 74 1.64 -10.37 -2.17
N PRO A 75 1.50 -9.07 -1.87
CA PRO A 75 0.42 -8.17 -2.30
C PRO A 75 0.47 -7.87 -3.80
N GLY A 76 -0.64 -7.39 -4.36
CA GLY A 76 -0.72 -7.14 -5.77
C GLY A 76 0.19 -5.99 -6.19
N PRO A 77 0.24 -5.74 -7.51
CA PRO A 77 1.13 -4.71 -8.03
C PRO A 77 0.77 -3.33 -7.52
N LEU A 78 1.79 -2.49 -7.35
CA LEU A 78 1.59 -1.13 -6.89
C LEU A 78 1.08 -0.26 -8.04
N ILE A 79 0.06 0.54 -7.75
CA ILE A 79 -0.49 1.51 -8.70
C ILE A 79 -0.15 2.90 -8.19
N GLU A 80 0.48 3.70 -9.04
CA GLU A 80 0.99 5.02 -8.66
C GLU A 80 0.54 6.03 -9.70
N VAL A 81 -0.19 7.05 -9.25
CA VAL A 81 -0.71 8.09 -10.13
C VAL A 81 -0.49 9.44 -9.47
N ASN A 82 -0.79 10.50 -10.22
CA ASN A 82 -0.70 11.87 -9.74
C ASN A 82 -2.09 12.48 -9.65
N GLU A 83 -2.24 13.44 -8.73
CA GLU A 83 -3.52 14.11 -8.54
C GLU A 83 -4.00 14.73 -9.85
N GLY A 84 -5.19 14.35 -10.28
CA GLY A 84 -5.75 14.75 -11.56
C GLY A 84 -5.76 13.66 -12.60
N ASP A 85 -4.93 12.63 -12.43
CA ASP A 85 -4.92 11.52 -13.37
C ASP A 85 -6.22 10.75 -13.32
N THR A 86 -6.59 10.17 -14.46
CA THR A 86 -7.69 9.21 -14.54
C THR A 86 -7.11 7.87 -14.95
N LEU A 87 -7.58 6.81 -14.28
CA LEU A 87 -7.07 5.46 -14.51
C LEU A 87 -8.22 4.55 -14.94
N HIS A 88 -8.11 3.97 -16.13
CA HIS A 88 -9.04 2.96 -16.61
C HIS A 88 -8.39 1.60 -16.48
N ILE A 89 -9.01 0.72 -15.70
CA ILE A 89 -8.46 -0.61 -15.42
C ILE A 89 -9.37 -1.64 -16.08
N GLU A 90 -8.85 -2.31 -17.10
CA GLU A 90 -9.54 -3.46 -17.69
C GLU A 90 -9.21 -4.67 -16.83
N PHE A 91 -10.17 -5.09 -16.01
CA PHE A 91 -9.95 -6.15 -15.02
C PHE A 91 -10.61 -7.43 -15.51
N THR A 92 -9.83 -8.51 -15.55
CA THR A 92 -10.29 -9.81 -16.00
C THR A 92 -10.20 -10.81 -14.86
N ASN A 93 -11.33 -11.39 -14.50
CA ASN A 93 -11.40 -12.38 -13.42
C ASN A 93 -11.21 -13.77 -14.03
N THR A 94 -10.04 -14.36 -13.84
CA THR A 94 -9.73 -15.67 -14.38
C THR A 94 -10.15 -16.82 -13.48
N MET A 95 -10.67 -16.53 -12.29
CA MET A 95 -10.98 -17.58 -11.34
C MET A 95 -12.40 -18.13 -11.55
N ASP A 96 -12.68 -19.25 -10.90
CA ASP A 96 -13.96 -19.93 -11.03
C ASP A 96 -15.03 -19.38 -10.11
N VAL A 97 -14.73 -18.31 -9.36
CA VAL A 97 -15.71 -17.65 -8.50
C VAL A 97 -15.73 -16.17 -8.86
N ARG A 98 -16.78 -15.49 -8.40
CA ARG A 98 -16.90 -14.07 -8.66
C ARG A 98 -15.86 -13.29 -7.88
N ALA A 99 -15.29 -12.27 -8.52
CA ALA A 99 -14.28 -11.42 -7.92
C ALA A 99 -14.54 -9.97 -8.30
N SER A 100 -13.84 -9.05 -7.64
CA SER A 100 -14.06 -7.63 -7.90
C SER A 100 -12.83 -6.84 -7.51
N LEU A 101 -12.88 -5.54 -7.80
CA LEU A 101 -11.82 -4.60 -7.46
C LEU A 101 -12.47 -3.42 -6.74
N HIS A 102 -12.05 -3.16 -5.52
CA HIS A 102 -12.55 -2.04 -4.73
C HIS A 102 -11.38 -1.22 -4.22
N VAL A 103 -11.45 0.09 -4.38
CA VAL A 103 -10.34 0.99 -4.03
C VAL A 103 -10.80 1.95 -2.94
N HIS A 104 -9.86 2.37 -2.10
CA HIS A 104 -10.07 3.36 -1.07
C HIS A 104 -9.56 4.73 -1.53
N GLY A 105 -10.21 5.79 -1.05
CA GLY A 105 -9.69 7.14 -1.21
C GLY A 105 -9.95 7.81 -2.55
N LEU A 106 -9.76 7.07 -3.63
CA LEU A 106 -9.87 7.67 -4.96
C LEU A 106 -11.34 7.87 -5.35
N ASP A 107 -11.55 8.76 -6.32
CA ASP A 107 -12.89 9.01 -6.82
C ASP A 107 -13.31 7.90 -7.78
N TYR A 108 -14.50 7.35 -7.57
CA TYR A 108 -15.04 6.34 -8.47
C TYR A 108 -16.56 6.42 -8.43
N GLU A 109 -17.19 6.19 -9.57
CA GLU A 109 -18.64 6.15 -9.63
C GLU A 109 -19.14 4.83 -9.05
N ILE A 110 -20.45 4.77 -8.80
CA ILE A 110 -21.06 3.58 -8.20
C ILE A 110 -20.87 2.36 -9.09
N SER A 111 -20.70 2.57 -10.40
CA SER A 111 -20.45 1.45 -11.30
C SER A 111 -19.08 0.81 -11.09
N SER A 112 -18.14 1.54 -10.46
CA SER A 112 -16.84 1.01 -10.13
C SER A 112 -16.70 0.76 -8.63
N ASP A 113 -17.82 0.50 -7.95
CA ASP A 113 -17.80 0.26 -6.52
C ASP A 113 -17.15 -1.07 -6.19
N GLY A 114 -17.25 -2.05 -7.08
CA GLY A 114 -16.69 -3.37 -6.83
C GLY A 114 -17.50 -4.24 -5.89
N THR A 115 -18.79 -3.97 -5.75
CA THR A 115 -19.62 -4.72 -4.82
C THR A 115 -20.71 -5.47 -5.56
N ALA A 116 -21.17 -6.57 -4.97
CA ALA A 116 -22.28 -7.33 -5.55
C ALA A 116 -23.57 -6.52 -5.53
N MET A 117 -23.80 -5.77 -4.44
CA MET A 117 -25.00 -4.96 -4.31
C MET A 117 -25.19 -4.05 -5.52
N ASN A 118 -24.14 -3.35 -5.92
CA ASN A 118 -24.20 -2.43 -7.04
C ASN A 118 -23.84 -3.10 -8.37
N LYS A 119 -23.88 -4.43 -8.42
CA LYS A 119 -23.62 -5.19 -9.64
C LYS A 119 -22.28 -4.80 -10.27
N SER A 120 -21.29 -4.56 -9.41
CA SER A 120 -19.98 -4.09 -9.85
C SER A 120 -18.90 -5.15 -9.72
N ASP A 121 -19.26 -6.37 -9.37
CA ASP A 121 -18.30 -7.46 -9.35
C ASP A 121 -18.13 -8.03 -10.77
N VAL A 122 -17.34 -9.09 -10.88
CA VAL A 122 -17.03 -9.69 -12.17
C VAL A 122 -17.28 -11.19 -12.09
N GLU A 123 -18.02 -11.72 -13.06
CA GLU A 123 -18.31 -13.14 -13.13
C GLU A 123 -17.06 -13.94 -13.47
N PRO A 124 -17.06 -15.24 -13.17
CA PRO A 124 -15.91 -16.07 -13.54
C PRO A 124 -15.63 -16.00 -15.04
N GLY A 125 -14.37 -15.77 -15.38
CA GLY A 125 -13.97 -15.60 -16.76
C GLY A 125 -14.32 -14.26 -17.38
N GLY A 126 -15.00 -13.38 -16.64
CA GLY A 126 -15.45 -12.13 -17.19
C GLY A 126 -14.39 -11.05 -17.20
N THR A 127 -14.72 -9.95 -17.86
CA THR A 127 -13.86 -8.78 -17.93
C THR A 127 -14.71 -7.53 -17.76
N ARG A 128 -14.26 -6.62 -16.91
CA ARG A 128 -14.97 -5.37 -16.65
C ARG A 128 -13.97 -4.24 -16.54
N THR A 129 -14.35 -3.07 -17.04
CA THR A 129 -13.49 -1.89 -17.02
C THR A 129 -13.89 -0.98 -15.86
N TYR A 130 -13.04 -0.92 -14.84
CA TYR A 130 -13.21 0.03 -13.75
C TYR A 130 -12.56 1.35 -14.11
N THR A 131 -13.06 2.43 -13.51
CA THR A 131 -12.49 3.75 -13.69
C THR A 131 -12.27 4.38 -12.32
N TRP A 132 -11.01 4.75 -12.05
CA TRP A 132 -10.65 5.52 -10.86
C TRP A 132 -10.22 6.91 -11.29
N ARG A 133 -10.77 7.93 -10.64
CA ARG A 133 -10.40 9.31 -10.91
C ARG A 133 -9.77 9.93 -9.68
N THR A 134 -8.91 10.92 -9.92
CA THR A 134 -8.28 11.69 -8.85
C THR A 134 -8.47 13.17 -9.14
N HIS A 135 -8.38 13.97 -8.08
CA HIS A 135 -8.56 15.41 -8.20
C HIS A 135 -7.59 16.13 -7.28
N LYS A 136 -7.26 17.35 -7.66
CA LYS A 136 -6.40 18.21 -6.86
C LYS A 136 -7.23 18.97 -5.82
N PRO A 137 -6.64 19.38 -4.71
CA PRO A 137 -7.38 20.20 -3.75
C PRO A 137 -7.64 21.59 -4.30
N GLY A 138 -8.69 22.21 -3.81
CA GLY A 138 -9.06 23.54 -4.26
C GLY A 138 -10.25 24.05 -3.48
N ARG A 139 -10.55 25.32 -3.71
CA ARG A 139 -11.64 25.99 -3.00
C ARG A 139 -12.95 25.77 -3.72
N ARG A 140 -13.99 25.45 -2.94
CA ARG A 140 -15.32 25.23 -3.50
C ARG A 140 -16.02 26.57 -3.73
N ASP A 141 -17.20 26.49 -4.37
CA ASP A 141 -17.98 27.69 -4.63
C ASP A 141 -18.43 28.36 -3.34
N ASP A 142 -18.70 27.58 -2.29
CA ASP A 142 -19.08 28.14 -1.00
C ASP A 142 -17.89 28.66 -0.21
N GLY A 143 -16.67 28.60 -0.76
CA GLY A 143 -15.49 29.05 -0.07
C GLY A 143 -14.78 27.99 0.75
N THR A 144 -15.39 26.82 0.93
CA THR A 144 -14.76 25.76 1.69
C THR A 144 -13.67 25.08 0.86
N TRP A 145 -12.76 24.41 1.56
CA TRP A 145 -11.61 23.77 0.93
C TRP A 145 -11.93 22.30 0.64
N ARG A 146 -11.87 21.92 -0.63
CA ARG A 146 -12.10 20.53 -1.01
C ARG A 146 -10.79 19.77 -0.94
N PRO A 147 -10.72 18.66 -0.20
CA PRO A 147 -9.46 17.92 -0.11
C PRO A 147 -9.14 17.22 -1.42
N GLY A 148 -7.84 17.04 -1.66
CA GLY A 148 -7.38 16.31 -2.83
C GLY A 148 -7.40 14.82 -2.61
N SER A 149 -7.00 14.09 -3.67
CA SER A 149 -6.98 12.64 -3.64
C SER A 149 -5.66 12.06 -3.13
N ALA A 150 -4.64 12.89 -2.95
CA ALA A 150 -3.32 12.39 -2.60
C ALA A 150 -3.35 11.60 -1.29
N GLY A 151 -2.54 10.54 -1.23
CA GLY A 151 -2.45 9.75 -0.02
C GLY A 151 -1.94 8.36 -0.32
N TYR A 152 -1.82 7.58 0.75
CA TYR A 152 -1.40 6.18 0.69
C TYR A 152 -2.66 5.32 0.84
N TRP A 153 -3.16 4.81 -0.27
CA TRP A 153 -4.42 4.08 -0.31
C TRP A 153 -4.16 2.61 -0.62
N HIS A 154 -5.24 1.87 -0.92
CA HIS A 154 -5.11 0.46 -1.23
C HIS A 154 -6.37 -0.02 -1.94
N TYR A 155 -6.24 -1.17 -2.61
CA TYR A 155 -7.35 -1.82 -3.29
C TYR A 155 -7.43 -3.27 -2.83
N HIS A 156 -8.63 -3.84 -2.92
CA HIS A 156 -8.84 -5.22 -2.51
C HIS A 156 -10.16 -5.72 -3.07
N ASP A 157 -10.36 -7.03 -2.98
CA ASP A 157 -11.58 -7.68 -3.43
C ASP A 157 -12.72 -7.44 -2.44
N HIS A 158 -13.95 -7.59 -2.93
CA HIS A 158 -15.13 -7.30 -2.12
C HIS A 158 -16.23 -8.35 -2.24
N VAL A 159 -16.01 -9.48 -2.93
CA VAL A 159 -17.10 -10.43 -3.13
C VAL A 159 -16.67 -11.89 -2.97
N VAL A 160 -15.37 -12.15 -2.80
CA VAL A 160 -14.91 -13.52 -2.64
C VAL A 160 -15.11 -13.94 -1.19
N GLY A 161 -15.84 -15.05 -0.99
CA GLY A 161 -16.09 -15.56 0.34
C GLY A 161 -17.34 -14.98 0.98
N THR A 162 -17.37 -13.66 1.16
CA THR A 162 -18.54 -12.96 1.65
C THR A 162 -18.76 -11.72 0.79
N GLU A 163 -19.87 -11.04 1.02
CA GLU A 163 -20.17 -9.79 0.32
C GLU A 163 -19.23 -8.65 0.70
N HIS A 164 -18.26 -8.89 1.56
CA HIS A 164 -17.25 -7.89 1.89
C HIS A 164 -15.84 -8.38 1.58
N GLY A 165 -15.71 -9.45 0.79
CA GLY A 165 -14.40 -9.91 0.36
C GLY A 165 -13.56 -10.56 1.42
N THR A 166 -14.17 -11.06 2.50
CA THR A 166 -13.39 -11.66 3.59
C THR A 166 -12.53 -12.80 3.07
N GLY A 167 -13.06 -13.62 2.16
CA GLY A 167 -12.26 -14.71 1.62
C GLY A 167 -11.19 -14.23 0.66
N GLY A 168 -11.52 -13.28 -0.22
CA GLY A 168 -10.54 -12.76 -1.16
C GLY A 168 -9.41 -12.03 -0.48
N ILE A 169 -9.73 -11.22 0.54
CA ILE A 169 -8.69 -10.52 1.28
C ILE A 169 -7.79 -11.51 1.99
N ARG A 170 -8.39 -12.53 2.62
CA ARG A 170 -7.60 -13.56 3.29
C ARG A 170 -6.71 -14.29 2.29
N ASN A 171 -7.21 -14.51 1.08
CA ASN A 171 -6.46 -15.24 0.06
C ASN A 171 -5.33 -14.41 -0.55
N GLY A 172 -5.33 -13.10 -0.37
CA GLY A 172 -4.23 -12.27 -0.85
C GLY A 172 -4.62 -11.25 -1.90
N LEU A 173 -5.92 -11.00 -2.06
CA LEU A 173 -6.39 -10.05 -3.06
C LEU A 173 -6.40 -8.63 -2.49
N TYR A 174 -5.18 -8.10 -2.34
CA TYR A 174 -5.00 -6.74 -1.87
C TYR A 174 -3.71 -6.17 -2.45
N GLY A 175 -3.69 -4.85 -2.62
CA GLY A 175 -2.52 -4.17 -3.14
C GLY A 175 -2.55 -2.69 -2.84
N PRO A 176 -1.39 -2.02 -2.95
CA PRO A 176 -1.30 -0.62 -2.58
C PRO A 176 -1.55 0.33 -3.75
N VAL A 177 -2.07 1.52 -3.41
CA VAL A 177 -2.25 2.60 -4.37
C VAL A 177 -1.64 3.86 -3.78
N ILE A 178 -0.80 4.54 -4.56
CA ILE A 178 -0.21 5.81 -4.16
C ILE A 178 -0.73 6.89 -5.10
N VAL A 179 -1.27 7.96 -4.53
CA VAL A 179 -1.66 9.16 -5.27
C VAL A 179 -0.78 10.30 -4.79
N ARG A 180 0.04 10.84 -5.68
CA ARG A 180 0.99 11.88 -5.33
C ARG A 180 0.42 13.26 -5.66
N ARG A 181 0.79 14.23 -4.83
CA ARG A 181 0.48 15.63 -5.08
C ARG A 181 1.70 16.30 -5.69
N LYS A 182 1.45 17.29 -6.55
CA LYS A 182 2.55 17.99 -7.22
C LYS A 182 3.51 18.56 -6.19
N GLY A 183 4.79 18.23 -6.34
CA GLY A 183 5.81 18.65 -5.42
C GLY A 183 6.16 17.64 -4.35
N ASP A 184 5.41 16.55 -4.24
CA ASP A 184 5.73 15.51 -3.28
C ASP A 184 7.10 14.92 -3.59
N VAL A 185 7.89 14.65 -2.54
CA VAL A 185 9.22 14.10 -2.71
C VAL A 185 9.12 12.66 -3.19
N LEU A 186 9.90 12.33 -4.21
CA LEU A 186 9.91 10.99 -4.78
C LEU A 186 10.99 10.13 -4.12
N PRO A 187 10.70 8.88 -3.81
CA PRO A 187 11.66 8.03 -3.11
C PRO A 187 12.61 7.32 -4.07
N ASP A 188 13.58 6.62 -3.48
CA ASP A 188 14.46 5.75 -4.26
C ASP A 188 13.82 4.39 -4.50
N ALA A 189 13.01 3.92 -3.56
CA ALA A 189 12.33 2.65 -3.68
C ALA A 189 11.11 2.65 -2.76
N THR A 190 10.12 1.84 -3.10
CA THR A 190 8.91 1.71 -2.33
C THR A 190 8.69 0.26 -1.94
N HIS A 191 8.42 0.01 -0.67
CA HIS A 191 8.13 -1.33 -0.18
C HIS A 191 6.76 -1.34 0.48
N THR A 192 6.04 -2.44 0.30
CA THR A 192 4.67 -2.59 0.80
C THR A 192 4.67 -3.66 1.89
N ILE A 193 4.19 -3.27 3.08
CA ILE A 193 4.09 -4.17 4.22
C ILE A 193 2.62 -4.26 4.61
N VAL A 194 2.05 -5.46 4.52
CA VAL A 194 0.64 -5.67 4.80
C VAL A 194 0.51 -6.63 5.97
N PHE A 195 -0.14 -6.18 7.04
CA PHE A 195 -0.50 -7.03 8.17
C PHE A 195 -1.86 -7.62 7.85
N ASN A 196 -1.87 -8.82 7.26
CA ASN A 196 -3.09 -9.52 6.93
C ASN A 196 -3.31 -10.61 7.98
N ASP A 197 -4.26 -10.36 8.89
CA ASP A 197 -4.49 -11.21 10.04
C ASP A 197 -3.17 -11.48 10.75
N MET A 198 -2.77 -12.75 10.85
CA MET A 198 -1.54 -13.12 11.54
C MET A 198 -0.40 -13.40 10.57
N THR A 199 -0.33 -12.66 9.47
CA THR A 199 0.76 -12.79 8.51
C THR A 199 1.24 -11.42 8.08
N ILE A 200 2.45 -11.38 7.52
CA ILE A 200 2.95 -10.22 6.80
C ILE A 200 3.00 -10.61 5.33
N ASN A 201 2.19 -9.91 4.51
CA ASN A 201 2.11 -10.18 3.07
C ASN A 201 1.77 -11.64 2.80
N ASN A 202 0.90 -12.21 3.62
CA ASN A 202 0.42 -13.59 3.50
C ASN A 202 1.54 -14.61 3.58
N ARG A 203 2.69 -14.21 4.11
CA ARG A 203 3.82 -15.13 4.24
C ARG A 203 3.69 -15.96 5.51
N LYS A 204 4.38 -17.09 5.51
CA LYS A 204 4.49 -17.88 6.73
C LYS A 204 5.23 -17.07 7.80
N PRO A 205 4.80 -17.15 9.06
CA PRO A 205 5.51 -16.44 10.12
C PRO A 205 6.98 -16.86 10.21
N HIS A 206 7.80 -15.93 10.71
CA HIS A 206 9.26 -16.07 10.80
C HIS A 206 9.95 -16.09 9.45
N THR A 207 9.28 -15.64 8.38
CA THR A 207 9.88 -15.63 7.05
C THR A 207 9.94 -14.22 6.46
N GLY A 208 9.93 -13.19 7.30
CA GLY A 208 10.08 -11.84 6.83
C GLY A 208 8.76 -11.22 6.40
N PRO A 209 8.76 -10.50 5.27
CA PRO A 209 9.87 -10.32 4.31
C PRO A 209 10.92 -9.33 4.78
N ASP A 210 12.14 -9.46 4.25
CA ASP A 210 13.22 -8.54 4.55
C ASP A 210 13.48 -7.63 3.36
N PHE A 211 14.00 -6.45 3.65
CA PHE A 211 14.34 -5.47 2.62
C PHE A 211 15.78 -5.01 2.83
N GLU A 212 16.37 -4.50 1.76
CA GLU A 212 17.73 -3.99 1.79
C GLU A 212 17.76 -2.54 1.33
N ALA A 213 18.70 -1.79 1.88
CA ALA A 213 18.95 -0.42 1.47
C ALA A 213 20.39 -0.08 1.84
N THR A 214 20.83 1.07 1.37
CA THR A 214 22.13 1.62 1.72
C THR A 214 21.93 2.89 2.54
N VAL A 215 22.84 3.12 3.48
CA VAL A 215 22.85 4.33 4.29
C VAL A 215 22.67 5.53 3.38
N GLY A 216 21.61 6.32 3.62
CA GLY A 216 21.34 7.49 2.82
C GLY A 216 20.23 7.33 1.80
N ASP A 217 19.78 6.11 1.55
CA ASP A 217 18.69 5.88 0.60
C ASP A 217 17.39 6.49 1.13
N ARG A 218 16.60 7.04 0.22
CA ARG A 218 15.25 7.51 0.55
C ARG A 218 14.30 6.35 0.32
N VAL A 219 13.87 5.70 1.40
CA VAL A 219 13.04 4.50 1.32
C VAL A 219 11.62 4.86 1.71
N GLU A 220 10.66 4.40 0.89
CA GLU A 220 9.24 4.64 1.12
C GLU A 220 8.56 3.34 1.52
N ILE A 221 7.71 3.40 2.53
CA ILE A 221 6.98 2.25 3.05
C ILE A 221 5.50 2.52 2.92
N VAL A 222 4.78 1.57 2.34
CA VAL A 222 3.31 1.60 2.30
C VAL A 222 2.81 0.52 3.27
N MET A 223 2.04 0.94 4.26
CA MET A 223 1.67 0.06 5.37
C MET A 223 0.15 -0.11 5.38
N ILE A 224 -0.32 -1.32 5.09
CA ILE A 224 -1.73 -1.65 5.01
C ILE A 224 -2.05 -2.76 6.01
N THR A 225 -3.24 -2.70 6.59
CA THR A 225 -3.70 -3.71 7.52
C THR A 225 -5.04 -4.27 7.04
N HIS A 226 -5.19 -5.59 7.14
CA HIS A 226 -6.40 -6.28 6.70
C HIS A 226 -6.76 -7.39 7.68
N GLY A 227 -8.04 -7.75 7.69
CA GLY A 227 -8.48 -8.93 8.41
C GLY A 227 -9.30 -8.69 9.67
N GLU A 228 -8.88 -9.34 10.76
CA GLU A 228 -9.67 -9.38 11.99
C GLU A 228 -9.08 -8.61 13.16
N TYR A 229 -7.78 -8.37 13.16
CA TYR A 229 -7.06 -8.01 14.37
C TYR A 229 -6.44 -6.63 14.24
N TYR A 230 -6.29 -5.96 15.38
CA TYR A 230 -5.51 -4.74 15.47
C TYR A 230 -4.04 -5.09 15.62
N HIS A 231 -3.18 -4.16 15.23
CA HIS A 231 -1.74 -4.35 15.31
C HIS A 231 -1.07 -3.02 15.65
N THR A 232 0.24 -3.06 15.87
CA THR A 232 1.04 -1.86 16.01
C THR A 232 2.31 -2.03 15.19
N PHE A 233 2.48 -1.19 14.18
CA PHE A 233 3.66 -1.25 13.33
C PHE A 233 4.80 -0.46 13.96
N HIS A 234 5.94 -1.11 14.15
CA HIS A 234 7.08 -0.50 14.81
C HIS A 234 8.35 -0.71 13.98
N MET A 235 9.23 0.29 14.00
CA MET A 235 10.51 0.22 13.31
C MET A 235 11.64 0.63 14.25
N HIS A 236 12.68 -0.19 14.30
CA HIS A 236 13.86 0.14 15.10
C HIS A 236 14.71 1.20 14.40
N GLY A 237 15.21 2.15 15.19
CA GLY A 237 16.16 3.12 14.69
C GLY A 237 15.65 4.10 13.67
N HIS A 238 14.35 4.13 13.40
CA HIS A 238 13.79 5.04 12.41
C HIS A 238 12.45 5.56 12.91
N ARG A 239 12.08 6.76 12.45
CA ARG A 239 10.84 7.39 12.86
C ARG A 239 10.28 8.19 11.70
N TRP A 240 8.99 8.52 11.81
CA TRP A 240 8.31 9.24 10.74
C TRP A 240 7.20 10.10 11.36
N ALA A 241 6.61 10.94 10.51
CA ALA A 241 5.54 11.83 10.94
C ALA A 241 4.19 11.17 10.72
N ASP A 242 3.29 11.33 11.70
CA ASP A 242 1.96 10.74 11.63
C ASP A 242 1.01 11.69 10.89
N ASN A 243 1.27 11.85 9.59
CA ASN A 243 0.45 12.71 8.75
C ASN A 243 0.28 12.02 7.40
N ARG A 244 -0.15 12.79 6.39
CA ARG A 244 -0.45 12.19 5.09
C ARG A 244 0.78 11.59 4.43
N THR A 245 1.91 12.29 4.47
CA THR A 245 3.10 11.87 3.75
C THR A 245 4.14 11.17 4.61
N GLY A 246 4.03 11.26 5.94
CA GLY A 246 5.09 10.80 6.80
C GLY A 246 6.25 11.75 6.93
N ILE A 247 6.20 12.89 6.24
CA ILE A 247 7.24 13.91 6.28
C ILE A 247 6.64 15.17 6.88
N LEU A 248 7.45 15.89 7.66
CA LEU A 248 7.01 17.15 8.23
C LEU A 248 7.03 18.25 7.17
N THR A 249 5.98 19.08 7.17
CA THR A 249 5.93 20.22 6.27
C THR A 249 7.14 21.11 6.45
N GLY A 250 7.49 21.38 7.70
CA GLY A 250 8.61 22.24 8.05
C GLY A 250 8.62 22.50 9.53
N PRO A 251 9.17 23.64 9.94
CA PRO A 251 9.21 23.98 11.38
C PRO A 251 7.84 24.19 11.99
N ASP A 252 6.80 24.38 11.20
CA ASP A 252 5.47 24.67 11.73
C ASP A 252 4.56 23.46 11.81
N ASP A 253 4.89 22.38 11.09
CA ASP A 253 4.09 21.15 11.11
C ASP A 253 3.97 20.61 12.52
N PRO A 254 2.76 20.62 13.10
CA PRO A 254 2.59 20.13 14.47
C PRO A 254 2.41 18.62 14.57
N SER A 255 2.42 17.90 13.45
CA SER A 255 2.20 16.46 13.46
C SER A 255 3.23 15.77 14.35
N ARG A 256 2.77 14.77 15.09
CA ARG A 256 3.64 14.04 15.98
C ARG A 256 4.60 13.15 15.20
N VAL A 257 5.80 12.96 15.76
CA VAL A 257 6.79 12.04 15.22
C VAL A 257 6.73 10.76 16.05
N ILE A 258 6.63 9.62 15.36
CA ILE A 258 6.39 8.34 16.01
C ILE A 258 7.27 7.27 15.38
N ASP A 259 7.44 6.16 16.10
CA ASP A 259 7.99 4.94 15.54
C ASP A 259 7.10 3.74 15.82
N ASN A 260 5.87 3.98 16.29
CA ASN A 260 4.93 2.92 16.64
C ASN A 260 3.54 3.44 16.32
N LYS A 261 2.82 2.74 15.45
CA LYS A 261 1.49 3.18 15.02
C LYS A 261 0.51 2.01 15.13
N ILE A 262 -0.60 2.25 15.81
CA ILE A 262 -1.66 1.25 15.91
C ILE A 262 -2.47 1.26 14.62
N THR A 263 -2.89 0.08 14.16
CA THR A 263 -3.63 -0.05 12.92
C THR A 263 -4.73 -1.08 13.08
N GLY A 264 -5.80 -0.89 12.30
CA GLY A 264 -6.89 -1.84 12.24
C GLY A 264 -7.19 -2.21 10.81
N PRO A 265 -8.11 -3.17 10.62
CA PRO A 265 -8.44 -3.62 9.27
C PRO A 265 -8.84 -2.49 8.34
N ALA A 266 -8.22 -2.46 7.16
CA ALA A 266 -8.37 -1.49 6.07
C ALA A 266 -7.70 -0.15 6.36
N ASP A 267 -6.91 -0.04 7.42
CA ASP A 267 -6.08 1.15 7.60
C ASP A 267 -4.94 1.13 6.60
N SER A 268 -4.58 2.30 6.08
CA SER A 268 -3.44 2.42 5.19
C SER A 268 -2.73 3.73 5.44
N PHE A 269 -1.41 3.66 5.62
CA PHE A 269 -0.59 4.85 5.75
C PHE A 269 0.76 4.56 5.11
N GLY A 270 1.55 5.62 4.97
CA GLY A 270 2.88 5.48 4.39
C GLY A 270 3.78 6.59 4.87
N PHE A 271 5.06 6.43 4.57
CA PHE A 271 6.06 7.41 4.97
C PHE A 271 7.33 7.19 4.17
N GLN A 272 8.24 8.15 4.29
CA GLN A 272 9.57 8.04 3.72
C GLN A 272 10.60 8.23 4.83
N ILE A 273 11.69 7.49 4.75
CA ILE A 273 12.78 7.61 5.70
C ILE A 273 14.10 7.65 4.93
N ILE A 274 15.10 8.24 5.56
CA ILE A 274 16.48 8.12 5.09
C ILE A 274 17.11 6.94 5.82
N ALA A 275 17.48 5.91 5.07
CA ALA A 275 18.00 4.69 5.66
C ALA A 275 19.25 4.99 6.49
N GLY A 276 19.17 4.69 7.79
CA GLY A 276 20.30 4.85 8.67
C GLY A 276 20.58 6.27 9.12
N GLU A 277 19.68 7.21 8.86
CA GLU A 277 19.92 8.61 9.20
C GLU A 277 20.11 8.76 10.70
N GLY A 278 21.29 9.24 11.10
CA GLY A 278 21.61 9.44 12.49
C GLY A 278 21.81 8.18 13.30
N VAL A 279 21.74 7.00 12.67
CA VAL A 279 21.90 5.74 13.40
C VAL A 279 22.87 4.79 12.72
N GLY A 280 23.17 4.95 11.44
CA GLY A 280 24.15 4.11 10.77
C GLY A 280 23.56 2.81 10.22
N ALA A 281 24.45 2.03 9.63
CA ALA A 281 24.05 0.78 9.02
C ALA A 281 23.77 -0.28 10.09
N GLY A 282 23.01 -1.29 9.70
CA GLY A 282 22.71 -2.38 10.60
C GLY A 282 21.48 -3.14 10.16
N ALA A 283 21.24 -4.25 10.84
CA ALA A 283 20.03 -5.05 10.64
C ALA A 283 18.96 -4.47 11.55
N TRP A 284 18.14 -3.59 10.97
CA TRP A 284 17.13 -2.86 11.74
C TRP A 284 15.81 -3.60 11.67
N MET A 285 15.29 -3.99 12.83
CA MET A 285 14.07 -4.76 12.90
C MET A 285 12.84 -3.88 12.69
N TYR A 286 11.89 -4.39 11.92
CA TYR A 286 10.51 -3.91 11.94
C TYR A 286 9.62 -5.08 12.33
N HIS A 287 8.59 -4.80 13.11
CA HIS A 287 7.73 -5.87 13.60
C HIS A 287 6.47 -5.27 14.19
N CYS A 288 5.45 -6.11 14.33
CA CYS A 288 4.30 -5.75 15.14
C CYS A 288 4.71 -5.79 16.61
N HIS A 289 4.26 -4.80 17.38
CA HIS A 289 4.67 -4.72 18.76
C HIS A 289 3.65 -5.31 19.73
N VAL A 290 2.55 -5.88 19.23
CA VAL A 290 1.76 -6.78 20.07
C VAL A 290 2.65 -7.98 20.38
N GLN A 291 2.82 -8.26 21.67
CA GLN A 291 3.93 -9.12 22.10
C GLN A 291 3.84 -10.51 21.49
N SER A 292 2.65 -11.13 21.52
CA SER A 292 2.52 -12.45 20.93
C SER A 292 2.68 -12.42 19.42
N HIS A 293 2.35 -11.29 18.78
CA HIS A 293 2.50 -11.19 17.34
C HIS A 293 3.98 -11.25 16.95
N SER A 294 4.82 -10.46 17.60
CA SER A 294 6.25 -10.52 17.32
C SER A 294 6.84 -11.85 17.79
N ASP A 295 6.34 -12.39 18.90
CA ASP A 295 6.82 -13.69 19.38
C ASP A 295 6.51 -14.80 18.37
N MET A 296 5.36 -14.71 17.71
CA MET A 296 4.95 -15.73 16.75
C MET A 296 5.58 -15.55 15.37
N GLY A 297 6.39 -14.51 15.17
CA GLY A 297 7.15 -14.36 13.95
C GLY A 297 6.73 -13.24 13.03
N LEU A 298 5.88 -12.31 13.49
CA LEU A 298 5.49 -11.16 12.68
C LEU A 298 6.59 -10.10 12.74
N VAL A 299 7.77 -10.49 12.25
CA VAL A 299 8.97 -9.69 12.31
C VAL A 299 9.64 -9.71 10.94
N GLY A 300 10.28 -8.59 10.59
CA GLY A 300 11.09 -8.52 9.39
C GLY A 300 12.35 -7.72 9.64
N LEU A 301 13.22 -7.70 8.63
CA LEU A 301 14.51 -7.04 8.74
C LEU A 301 14.62 -5.95 7.70
N PHE A 302 14.99 -4.75 8.14
CA PHE A 302 15.32 -3.63 7.27
C PHE A 302 16.84 -3.55 7.25
N LEU A 303 17.45 -4.21 6.27
CA LEU A 303 18.90 -4.36 6.20
C LEU A 303 19.50 -3.12 5.54
N VAL A 304 20.07 -2.24 6.35
CA VAL A 304 20.70 -1.01 5.86
C VAL A 304 22.20 -1.30 5.76
N LYS A 305 22.72 -1.29 4.53
CA LYS A 305 24.10 -1.68 4.28
C LYS A 305 25.02 -0.46 4.27
N LYS A 306 26.28 -0.70 4.63
CA LYS A 306 27.31 0.30 4.50
C LYS A 306 27.60 0.54 3.02
N PRO A 307 28.30 1.64 2.67
CA PRO A 307 28.66 1.88 1.26
C PRO A 307 29.39 0.71 0.61
N ASP A 308 30.05 -0.13 1.40
CA ASP A 308 30.71 -1.32 0.87
C ASP A 308 29.82 -2.57 0.92
N GLY A 309 28.52 -2.39 1.19
CA GLY A 309 27.58 -3.50 1.15
C GLY A 309 27.56 -4.38 2.37
N THR A 310 28.23 -3.99 3.46
CA THR A 310 28.28 -4.79 4.68
C THR A 310 27.27 -4.29 5.68
N ILE A 311 26.73 -5.22 6.47
CA ILE A 311 25.85 -4.91 7.59
C ILE A 311 26.62 -5.17 8.87
N PRO A 312 26.82 -4.16 9.74
CA PRO A 312 27.58 -4.34 10.98
C PRO A 312 27.21 -5.62 11.74
N GLY A 313 28.22 -6.45 12.01
CA GLY A 313 28.02 -7.72 12.67
C GLY A 313 27.95 -8.91 11.72
N TYR A 314 27.66 -8.68 10.45
CA TYR A 314 27.49 -9.77 9.49
C TYR A 314 28.25 -9.52 8.20
CU CU B . 0.09 -7.63 14.94
CU CU C . 9.66 -1.50 21.77
CU CU D . 11.65 -4.49 18.89
CU CU E . 11.85 -0.57 19.19
O OH F . 10.90 -2.91 20.35
N GLY G . -0.01 4.70 17.51
CA GLY G . 0.34 6.05 17.11
C GLY G . -0.54 7.08 17.78
O GLY G . -1.51 6.74 18.46
OXT GLY G . -0.30 8.29 17.67
N GLY H . 0.90 10.43 -0.33
CA GLY H . 1.54 10.80 -1.59
C GLY H . 3.05 10.93 -1.48
O GLY H . 3.61 11.01 -0.40
OXT GLY H . 3.74 10.95 -2.50
O1 PG4 I . 11.72 -13.05 10.24
C1 PG4 I . 12.42 -12.05 9.50
C2 PG4 I . 13.89 -12.33 9.46
O2 PG4 I . 14.13 -13.60 8.86
C3 PG4 I . 13.58 -13.72 7.56
C4 PG4 I . 14.11 -14.94 6.89
O3 PG4 I . 13.49 -15.10 5.62
C5 PG4 I . 14.02 -14.10 4.77
C6 PG4 I . 13.12 -13.92 3.59
O4 PG4 I . 13.35 -12.64 3.00
C7 PG4 I . 12.24 -12.38 2.15
C8 PG4 I . 12.55 -11.19 1.29
O5 PG4 I . 11.63 -11.14 0.21
N GLY J . 4.57 10.81 -9.08
CA GLY J . 4.68 9.66 -9.97
C GLY J . 5.64 9.91 -11.11
O GLY J . 6.69 9.27 -11.22
OXT GLY J . 5.40 10.76 -11.97
O1 PG4 K . 4.83 2.23 -10.80
C1 PG4 K . 3.59 1.63 -11.15
C2 PG4 K . 2.64 2.63 -11.74
O2 PG4 K . 1.32 2.11 -11.69
C3 PG4 K . 0.64 2.20 -12.94
C4 PG4 K . 0.16 3.59 -13.15
O3 PG4 K . 0.63 4.08 -14.41
C5 PG4 K . -0.12 3.43 -15.42
C6 PG4 K . 0.26 3.99 -16.75
O4 PG4 K . -0.65 3.52 -17.74
C7 PG4 K . -0.01 3.68 -19.00
C8 PG4 K . -0.58 4.87 -19.71
O5 PG4 K . -1.80 4.52 -20.35
N GLY L . -5.28 6.90 4.65
CA GLY L . -4.63 7.70 3.62
C GLY L . -3.42 8.47 4.12
O GLY L . -2.57 8.89 3.33
OXT GLY L . -3.26 8.68 5.32
#